data_4U73
#
_entry.id   4U73
#
_cell.length_a   47.477
_cell.length_b   77.296
_cell.length_c   48.271
_cell.angle_alpha   90.00
_cell.angle_beta   91.19
_cell.angle_gamma   90.00
#
_symmetry.space_group_name_H-M   'P 1 21 1'
#
loop_
_entity.id
_entity.type
_entity.pdbx_description
1 polymer 'Methionine aminopeptidase 1'
2 non-polymer 'COBALT (II) ION'
3 non-polymer 'POTASSIUM ION'
4 non-polymer '[(R)-amino(phenyl)methyl]phosphonic acid'
5 water water
#
_entity_poly.entity_id   1
_entity_poly.type   'polypeptide(L)'
_entity_poly.pdbx_seq_one_letter_code
;YRYTGKLRPHYPLMPTRPVPSYIQRPDYADHPLGMSESEQALKGTSQIKLLSSEDIEGMRLVCRLAREVLDVAAGMIKPG
VTTEEIDHAVHLACIARNCYPSPLNYYNFPKSCCTSVNEVICHGIPDRRPLQEGDIVNVDITLYRNGYHGDLNETFFVGE
VDDGARKLVQTTYECLMQAIDAVKPGVRYRELGNIIQKHAQANGFSVVRSYCGHGIHKLMHTAPNVPHYAKNKAVGVMKS
GHVFTIEPMICEGGWQDETWPDGWTAVTRDGKRSAQFEHTLLVTDTGCEILTRRLDSARPHFMSQF
;
_entity_poly.pdbx_strand_id   A
#
# COMPACT_ATOMS: atom_id res chain seq x y z
N TYR A 1 -4.93 -13.10 -23.24
CA TYR A 1 -5.25 -13.08 -21.78
C TYR A 1 -6.77 -13.01 -21.54
N ARG A 2 -7.29 -13.85 -20.66
CA ARG A 2 -8.69 -13.79 -20.29
C ARG A 2 -8.85 -12.92 -19.02
N TYR A 3 -9.52 -11.77 -19.14
CA TYR A 3 -9.77 -10.95 -17.95
C TYR A 3 -10.65 -11.70 -16.96
N THR A 4 -10.47 -11.42 -15.67
CA THR A 4 -11.22 -12.14 -14.62
C THR A 4 -12.51 -11.47 -14.26
N GLY A 5 -12.66 -10.21 -14.67
CA GLY A 5 -13.83 -9.41 -14.43
C GLY A 5 -14.12 -8.44 -15.54
N LYS A 6 -14.80 -7.37 -15.20
CA LYS A 6 -15.18 -6.33 -16.13
C LYS A 6 -14.13 -5.29 -16.41
N LEU A 7 -13.19 -5.11 -15.49
CA LEU A 7 -12.19 -4.06 -15.68
C LEU A 7 -11.27 -4.42 -16.82
N ARG A 8 -10.79 -3.39 -17.55
CA ARG A 8 -9.80 -3.54 -18.57
C ARG A 8 -8.77 -2.41 -18.39
N PRO A 9 -7.52 -2.63 -18.82
CA PRO A 9 -6.60 -1.46 -18.94
C PRO A 9 -7.07 -0.49 -20.03
N HIS A 10 -6.83 0.80 -19.87
CA HIS A 10 -7.21 1.83 -20.85
C HIS A 10 -5.91 2.54 -21.24
N TYR A 11 -5.36 2.02 -22.34
CA TYR A 11 -4.16 2.53 -23.01
C TYR A 11 -4.45 3.55 -24.14
N PRO A 12 -3.41 4.28 -24.58
CA PRO A 12 -2.07 4.23 -24.13
C PRO A 12 -1.83 4.99 -22.77
N LEU A 13 -0.71 4.71 -22.12
CA LEU A 13 -0.24 5.42 -20.95
C LEU A 13 0.57 6.59 -21.42
N MET A 14 0.47 7.67 -20.70
CA MET A 14 1.30 8.83 -20.99
C MET A 14 2.74 8.50 -20.75
N PRO A 15 3.56 9.21 -21.49
CA PRO A 15 5.01 9.04 -21.34
C PRO A 15 5.45 9.15 -19.81
N THR A 16 6.36 8.32 -19.32
CA THR A 16 6.70 8.48 -17.92
C THR A 16 7.05 9.93 -17.52
N ARG A 17 6.63 10.30 -16.35
CA ARG A 17 6.86 11.66 -15.85
C ARG A 17 8.26 11.82 -15.27
N PRO A 18 9.02 12.87 -15.67
CA PRO A 18 10.31 13.00 -15.05
C PRO A 18 10.20 13.71 -13.67
N VAL A 19 11.22 13.39 -12.87
CA VAL A 19 11.38 13.97 -11.55
C VAL A 19 12.64 14.89 -11.59
N PRO A 20 12.50 16.15 -11.17
CA PRO A 20 13.67 17.07 -11.32
C PRO A 20 14.83 16.58 -10.54
N SER A 21 16.03 16.85 -11.06
CA SER A 21 17.25 16.31 -10.51
C SER A 21 17.60 16.81 -9.15
N TYR A 22 16.94 17.86 -8.67
CA TYR A 22 17.21 18.31 -7.31
C TYR A 22 16.61 17.41 -6.24
N ILE A 23 15.64 16.59 -6.62
CA ILE A 23 15.03 15.58 -5.71
C ILE A 23 15.93 14.39 -5.65
N GLN A 24 16.23 13.91 -4.44
CA GLN A 24 17.08 12.79 -4.17
C GLN A 24 16.37 11.51 -4.60
N ARG A 25 17.12 10.61 -5.26
CA ARG A 25 16.56 9.43 -5.88
C ARG A 25 17.05 8.20 -5.22
N PRO A 26 16.18 7.18 -5.08
CA PRO A 26 16.57 5.90 -4.61
C PRO A 26 17.34 5.11 -5.69
N ASP A 27 18.09 4.13 -5.27
CA ASP A 27 19.04 3.42 -6.21
C ASP A 27 18.38 2.88 -7.50
N TYR A 28 17.20 2.30 -7.37
CA TYR A 28 16.49 1.76 -8.50
C TYR A 28 15.98 2.76 -9.52
N ALA A 29 15.87 4.03 -9.16
CA ALA A 29 15.38 5.06 -10.07
C ALA A 29 16.12 5.11 -11.41
N ASP A 30 17.39 4.83 -11.41
CA ASP A 30 18.17 4.98 -12.62
C ASP A 30 18.71 3.63 -13.04
N HIS A 31 18.26 2.53 -12.42
CA HIS A 31 18.69 1.21 -12.89
C HIS A 31 17.79 0.84 -14.09
N PRO A 32 18.38 0.24 -15.17
CA PRO A 32 17.55 0.11 -16.36
C PRO A 32 16.32 -0.79 -16.22
N LEU A 33 16.39 -1.80 -15.34
CA LEU A 33 15.21 -2.66 -15.03
C LEU A 33 14.57 -2.31 -13.70
N GLY A 34 14.97 -1.19 -13.15
CA GLY A 34 14.43 -0.71 -11.89
C GLY A 34 14.78 -1.58 -10.73
N MET A 35 15.90 -2.32 -10.79
CA MET A 35 16.30 -3.17 -9.67
C MET A 35 16.95 -2.37 -8.58
N SER A 36 16.70 -2.75 -7.33
CA SER A 36 17.24 -2.05 -6.20
C SER A 36 18.43 -2.92 -5.64
N GLU A 37 19.61 -2.45 -5.91
CA GLU A 37 20.86 -3.12 -5.43
C GLU A 37 20.75 -3.35 -3.91
N SER A 38 20.37 -2.30 -3.19
CA SER A 38 20.38 -2.38 -1.76
C SER A 38 19.36 -3.43 -1.24
N GLU A 39 18.19 -3.54 -1.88
CA GLU A 39 17.27 -4.64 -1.52
C GLU A 39 17.81 -6.02 -1.91
N GLN A 40 18.37 -6.13 -3.08
CA GLN A 40 18.86 -7.43 -3.56
C GLN A 40 19.98 -7.99 -2.65
N ALA A 41 20.83 -7.09 -2.18
CA ALA A 41 21.89 -7.36 -1.20
C ALA A 41 21.38 -7.79 0.16
N LEU A 42 20.07 -7.68 0.47
CA LEU A 42 19.56 -8.34 1.69
C LEU A 42 18.49 -9.37 1.41
N LYS A 43 18.38 -9.81 0.15
CA LYS A 43 17.37 -10.77 -0.18
C LYS A 43 17.61 -12.09 0.56
N GLY A 44 16.54 -12.60 1.18
CA GLY A 44 16.58 -13.86 1.91
C GLY A 44 17.11 -13.74 3.33
N THR A 45 17.28 -12.50 3.81
CA THR A 45 17.69 -12.18 5.19
C THR A 45 16.43 -12.02 6.09
N SER A 46 16.50 -12.51 7.33
CA SER A 46 15.39 -12.43 8.29
C SER A 46 15.64 -11.37 9.36
N GLN A 47 16.90 -10.98 9.53
CA GLN A 47 17.31 -9.92 10.47
C GLN A 47 16.55 -8.60 10.27
N ILE A 48 16.11 -7.99 11.36
CA ILE A 48 15.29 -6.79 11.28
C ILE A 48 16.02 -5.62 11.89
N LYS A 49 16.20 -4.56 11.11
CA LYS A 49 16.88 -3.38 11.58
C LYS A 49 16.25 -2.80 12.82
N LEU A 50 17.11 -2.35 13.74
CA LEU A 50 16.65 -1.59 14.90
C LEU A 50 16.99 -0.14 14.60
N LEU A 51 15.97 0.69 14.39
CA LEU A 51 16.22 2.03 13.90
C LEU A 51 16.83 2.93 14.98
N SER A 52 17.85 3.68 14.57
CA SER A 52 18.42 4.75 15.43
C SER A 52 17.40 5.82 15.53
N SER A 53 17.64 6.75 16.46
CA SER A 53 16.81 7.95 16.61
C SER A 53 16.76 8.80 15.37
N GLU A 54 17.88 8.90 14.69
CA GLU A 54 17.91 9.65 13.48
C GLU A 54 16.99 8.98 12.40
N ASP A 55 17.08 7.67 12.34
CA ASP A 55 16.29 6.87 11.42
C ASP A 55 14.82 7.09 11.74
N ILE A 56 14.49 7.12 13.04
CA ILE A 56 13.10 7.36 13.49
C ILE A 56 12.64 8.74 13.03
N GLU A 57 13.48 9.78 13.17
CA GLU A 57 13.03 11.11 12.71
C GLU A 57 12.79 11.09 11.18
N GLY A 58 13.63 10.35 10.50
CA GLY A 58 13.57 10.32 9.04
C GLY A 58 12.23 9.66 8.60
N MET A 59 11.87 8.62 9.32
CA MET A 59 10.63 7.92 9.00
C MET A 59 9.39 8.69 9.40
N ARG A 60 9.42 9.34 10.56
CA ARG A 60 8.35 10.22 10.90
C ARG A 60 8.07 11.23 9.85
N LEU A 61 9.14 11.85 9.31
CA LEU A 61 8.95 12.91 8.34
C LEU A 61 8.36 12.35 7.04
N VAL A 62 9.03 11.32 6.48
CA VAL A 62 8.54 10.84 5.15
C VAL A 62 7.08 10.33 5.25
N CYS A 63 6.75 9.67 6.36
CA CYS A 63 5.39 9.06 6.51
C CYS A 63 4.36 10.14 6.67
N ARG A 64 4.71 11.25 7.35
CA ARG A 64 3.85 12.40 7.42
C ARG A 64 3.59 13.00 6.05
N LEU A 65 4.65 13.12 5.26
CA LEU A 65 4.47 13.73 3.93
C LEU A 65 3.67 12.77 3.00
N ALA A 66 3.93 11.50 3.17
CA ALA A 66 3.14 10.48 2.42
C ALA A 66 1.66 10.60 2.74
N ARG A 67 1.34 10.74 4.03
CA ARG A 67 -0.09 10.97 4.32
C ARG A 67 -0.64 12.22 3.65
N GLU A 68 0.10 13.32 3.69
CA GLU A 68 -0.36 14.49 3.00
C GLU A 68 -0.73 14.24 1.52
N VAL A 69 0.11 13.45 0.88
CA VAL A 69 -0.08 13.17 -0.56
C VAL A 69 -1.28 12.26 -0.76
N LEU A 70 -1.46 11.29 0.13
CA LEU A 70 -2.65 10.49 0.02
C LEU A 70 -3.86 11.35 0.16
N ASP A 71 -3.83 12.26 1.15
CA ASP A 71 -4.99 13.18 1.37
C ASP A 71 -5.31 13.96 0.13
N VAL A 72 -4.25 14.38 -0.62
CA VAL A 72 -4.48 15.03 -1.91
C VAL A 72 -5.26 14.16 -2.86
N ALA A 73 -4.83 12.89 -3.00
CA ALA A 73 -5.55 11.96 -3.85
C ALA A 73 -6.98 11.71 -3.41
N ALA A 74 -7.16 11.65 -2.08
CA ALA A 74 -8.48 11.38 -1.54
C ALA A 74 -9.47 12.46 -1.95
N GLY A 75 -8.99 13.71 -1.95
CA GLY A 75 -9.83 14.85 -2.37
C GLY A 75 -10.21 14.87 -3.84
N MET A 76 -9.60 14.02 -4.67
CA MET A 76 -9.84 13.99 -6.12
C MET A 76 -10.76 12.92 -6.58
N ILE A 77 -11.18 12.06 -5.65
CA ILE A 77 -11.88 10.85 -5.99
C ILE A 77 -13.31 11.26 -6.26
N LYS A 78 -13.72 11.14 -7.52
CA LYS A 78 -15.12 11.37 -7.91
C LYS A 78 -15.32 10.76 -9.30
N PRO A 79 -16.56 10.44 -9.64
CA PRO A 79 -16.84 9.92 -10.96
C PRO A 79 -16.30 10.82 -12.07
N GLY A 80 -15.74 10.22 -13.11
CA GLY A 80 -15.28 10.88 -14.31
C GLY A 80 -13.79 11.24 -14.22
N VAL A 81 -13.20 11.23 -13.02
CA VAL A 81 -11.73 11.47 -12.90
C VAL A 81 -10.99 10.20 -13.33
N THR A 82 -9.95 10.32 -14.11
CA THR A 82 -9.18 9.11 -14.49
C THR A 82 -8.10 8.84 -13.41
N THR A 83 -7.62 7.63 -13.40
CA THR A 83 -6.56 7.33 -12.48
C THR A 83 -5.26 7.97 -12.88
N GLU A 84 -5.00 8.16 -14.18
CA GLU A 84 -3.83 8.96 -14.59
C GLU A 84 -3.86 10.35 -14.07
N GLU A 85 -5.06 10.95 -14.02
CA GLU A 85 -5.17 12.29 -13.48
C GLU A 85 -4.83 12.33 -11.99
N ILE A 86 -5.27 11.30 -11.26
CA ILE A 86 -4.91 11.19 -9.87
C ILE A 86 -3.40 11.08 -9.71
N ASP A 87 -2.80 10.23 -10.57
CA ASP A 87 -1.31 9.95 -10.49
C ASP A 87 -0.54 11.23 -10.80
N HIS A 88 -1.06 12.01 -11.75
CA HIS A 88 -0.41 13.32 -12.10
C HIS A 88 -0.38 14.28 -10.95
N ALA A 89 -1.47 14.36 -10.25
CA ALA A 89 -1.53 15.19 -9.07
C ALA A 89 -0.61 14.67 -7.97
N VAL A 90 -0.56 13.34 -7.80
CA VAL A 90 0.28 12.75 -6.77
C VAL A 90 1.73 13.08 -7.08
N HIS A 91 2.09 12.88 -8.32
CA HIS A 91 3.44 13.10 -8.80
C HIS A 91 3.92 14.50 -8.45
N LEU A 92 3.13 15.50 -8.79
CA LEU A 92 3.44 16.94 -8.44
C LEU A 92 3.44 17.21 -6.98
N ALA A 93 2.58 16.55 -6.24
CA ALA A 93 2.51 16.72 -4.79
C ALA A 93 3.74 16.14 -4.09
N CYS A 94 4.26 14.99 -4.58
CA CYS A 94 5.53 14.44 -4.08
C CYS A 94 6.66 15.45 -4.31
N ILE A 95 6.72 15.93 -5.55
CA ILE A 95 7.79 16.90 -5.89
C ILE A 95 7.69 18.20 -5.11
N ALA A 96 6.48 18.69 -4.90
CA ALA A 96 6.29 19.87 -4.04
C ALA A 96 6.85 19.67 -2.60
N ARG A 97 6.93 18.44 -2.11
CA ARG A 97 7.37 18.12 -0.76
C ARG A 97 8.78 17.65 -0.82
N ASN A 98 9.45 17.89 -1.94
CA ASN A 98 10.87 17.45 -2.05
C ASN A 98 11.09 15.98 -1.82
N CYS A 99 10.14 15.19 -2.31
CA CYS A 99 10.26 13.76 -2.23
C CYS A 99 10.17 13.14 -3.65
N TYR A 100 10.73 11.96 -3.76
CA TYR A 100 10.66 11.15 -4.99
C TYR A 100 9.46 10.20 -4.80
N PRO A 101 8.65 10.01 -5.86
CA PRO A 101 7.52 9.08 -5.83
C PRO A 101 8.06 7.68 -5.93
N SER A 102 8.23 7.04 -4.76
CA SER A 102 8.85 5.72 -4.69
C SER A 102 8.46 4.69 -5.72
N PRO A 103 7.16 4.59 -6.12
CA PRO A 103 6.84 3.59 -7.12
C PRO A 103 7.51 3.75 -8.49
N LEU A 104 7.90 4.96 -8.81
CA LEU A 104 8.29 5.29 -10.19
C LEU A 104 9.63 4.61 -10.53
N ASN A 105 9.52 3.73 -11.50
CA ASN A 105 10.54 2.79 -11.92
C ASN A 105 11.01 1.73 -10.94
N TYR A 106 10.22 1.52 -9.85
CA TYR A 106 10.47 0.39 -9.01
C TYR A 106 10.21 -0.85 -9.80
N TYR A 107 11.32 -1.56 -10.12
CA TYR A 107 11.21 -2.75 -11.02
C TYR A 107 10.40 -2.42 -12.23
N ASN A 108 10.62 -1.22 -12.74
CA ASN A 108 10.07 -0.68 -13.96
C ASN A 108 8.56 -0.38 -13.84
N PHE A 109 8.06 -0.29 -12.60
CA PHE A 109 6.65 0.23 -12.44
C PHE A 109 6.57 1.58 -13.08
N PRO A 110 5.51 1.87 -13.87
CA PRO A 110 5.57 3.03 -14.81
C PRO A 110 5.02 4.34 -14.27
N LYS A 111 4.48 4.36 -13.03
CA LYS A 111 3.69 5.50 -12.55
C LYS A 111 4.14 5.80 -11.17
N SER A 112 3.54 6.80 -10.54
CA SER A 112 4.03 7.37 -9.27
C SER A 112 3.21 6.97 -8.06
N CYS A 113 2.24 6.12 -8.28
CA CYS A 113 1.34 5.59 -7.19
C CYS A 113 0.60 4.38 -7.82
N CYS A 114 -0.10 3.64 -6.98
CA CYS A 114 -0.88 2.49 -7.50
C CYS A 114 -2.37 2.83 -7.29
N THR A 115 -3.17 2.60 -8.32
CA THR A 115 -4.63 2.76 -8.31
C THR A 115 -5.30 1.47 -8.61
N SER A 116 -6.04 0.94 -7.62
CA SER A 116 -6.57 -0.42 -7.71
C SER A 116 -8.07 -0.34 -7.58
N VAL A 117 -8.71 -0.67 -8.69
CA VAL A 117 -10.16 -0.60 -8.78
C VAL A 117 -10.83 -1.94 -8.68
N ASN A 118 -11.91 -2.01 -7.89
CA ASN A 118 -12.82 -3.18 -7.78
C ASN A 118 -12.06 -4.53 -7.60
N GLU A 119 -11.98 -5.39 -8.64
CA GLU A 119 -11.33 -6.68 -8.59
C GLU A 119 -9.80 -6.63 -8.55
N VAL A 120 -9.26 -5.46 -8.74
CA VAL A 120 -7.82 -5.28 -8.57
C VAL A 120 -7.54 -5.35 -7.10
N ILE A 121 -6.61 -6.22 -6.75
CA ILE A 121 -6.22 -6.46 -5.35
C ILE A 121 -5.18 -5.38 -4.91
N CYS A 122 -4.25 -5.13 -5.79
CA CYS A 122 -3.19 -4.14 -5.56
C CYS A 122 -2.37 -3.95 -6.85
N HIS A 123 -1.58 -2.88 -6.83
CA HIS A 123 -0.60 -2.51 -7.84
C HIS A 123 -1.19 -2.21 -9.17
N GLY A 124 -2.45 -1.82 -9.19
CA GLY A 124 -2.99 -1.25 -10.41
C GLY A 124 -2.27 -0.04 -10.95
N ILE A 125 -2.19 0.00 -12.28
CA ILE A 125 -1.42 1.05 -12.93
C ILE A 125 -2.34 2.18 -13.35
N PRO A 126 -2.08 3.38 -12.89
CA PRO A 126 -2.95 4.48 -13.31
C PRO A 126 -3.01 4.58 -14.84
N ASP A 127 -4.24 4.78 -15.39
CA ASP A 127 -4.48 4.74 -16.85
C ASP A 127 -5.63 5.67 -17.27
N ARG A 128 -6.07 5.56 -18.51
CA ARG A 128 -7.03 6.53 -19.00
C ARG A 128 -8.45 6.25 -18.56
N ARG A 129 -8.69 5.25 -17.73
CA ARG A 129 -10.09 4.94 -17.36
C ARG A 129 -10.65 5.95 -16.36
N PRO A 130 -11.86 6.50 -16.69
CA PRO A 130 -12.45 7.34 -15.66
C PRO A 130 -13.12 6.52 -14.61
N LEU A 131 -13.03 6.95 -13.36
CA LEU A 131 -13.76 6.31 -12.28
C LEU A 131 -15.26 6.32 -12.55
N GLN A 132 -15.94 5.24 -12.21
CA GLN A 132 -17.36 5.10 -12.40
C GLN A 132 -18.07 5.11 -11.05
N GLU A 133 -19.25 5.74 -11.03
CA GLU A 133 -20.11 5.70 -9.83
C GLU A 133 -20.27 4.26 -9.40
N GLY A 134 -20.03 3.98 -8.10
CA GLY A 134 -20.17 2.63 -7.55
C GLY A 134 -18.84 1.82 -7.44
N ASP A 135 -17.81 2.29 -8.14
CA ASP A 135 -16.41 1.69 -7.99
C ASP A 135 -15.95 1.88 -6.52
N ILE A 136 -15.09 0.97 -6.06
CA ILE A 136 -14.20 1.24 -5.02
C ILE A 136 -12.74 1.34 -5.61
N VAL A 137 -12.00 2.27 -5.08
CA VAL A 137 -10.61 2.54 -5.58
C VAL A 137 -9.70 2.74 -4.40
N ASN A 138 -8.61 1.97 -4.41
CA ASN A 138 -7.48 2.14 -3.51
C ASN A 138 -6.42 2.99 -4.22
N VAL A 139 -5.91 3.99 -3.50
CA VAL A 139 -4.70 4.66 -3.86
C VAL A 139 -3.63 4.33 -2.86
N ASP A 140 -2.50 3.88 -3.39
CA ASP A 140 -1.31 3.51 -2.57
C ASP A 140 -0.18 4.52 -2.93
N ILE A 141 0.26 5.17 -1.87
CA ILE A 141 1.26 6.19 -1.91
C ILE A 141 2.51 5.72 -1.24
N THR A 142 3.63 5.93 -1.88
CA THR A 142 4.92 5.67 -1.21
C THR A 142 5.86 6.81 -1.63
N LEU A 143 6.49 7.45 -0.65
CA LEU A 143 7.44 8.61 -0.88
C LEU A 143 8.83 8.26 -0.36
N TYR A 144 9.84 8.90 -0.97
CA TYR A 144 11.22 8.70 -0.56
C TYR A 144 11.84 10.08 -0.27
N ARG A 145 12.38 10.25 0.92
CA ARG A 145 12.93 11.54 1.36
C ARG A 145 14.17 11.26 2.23
N ASN A 146 15.30 11.85 1.84
CA ASN A 146 16.52 11.75 2.63
C ASN A 146 16.87 10.33 3.00
N GLY A 147 16.65 9.43 2.05
CA GLY A 147 16.99 8.04 2.23
C GLY A 147 15.99 7.08 2.87
N TYR A 148 14.80 7.59 3.21
CA TYR A 148 13.72 6.81 3.85
C TYR A 148 12.46 6.81 2.94
N HIS A 149 11.81 5.65 2.95
CA HIS A 149 10.51 5.45 2.31
C HIS A 149 9.35 5.46 3.36
N GLY A 150 8.17 5.99 2.97
CA GLY A 150 7.04 5.92 3.81
C GLY A 150 5.86 5.52 2.93
N ASP A 151 5.00 4.64 3.45
CA ASP A 151 4.09 3.81 2.60
C ASP A 151 2.72 3.70 3.30
N LEU A 152 1.67 4.10 2.56
CA LEU A 152 0.32 3.91 3.04
C LEU A 152 -0.71 3.80 1.89
N ASN A 153 -1.87 3.29 2.24
CA ASN A 153 -2.98 3.27 1.30
C ASN A 153 -4.28 3.29 1.93
N GLU A 154 -5.25 3.75 1.15
CA GLU A 154 -6.64 3.64 1.65
C GLU A 154 -7.49 3.23 0.49
N THR A 155 -8.66 2.61 0.76
CA THR A 155 -9.70 2.40 -0.25
C THR A 155 -10.81 3.46 -0.06
N PHE A 156 -11.28 3.98 -1.19
CA PHE A 156 -12.27 5.05 -1.31
C PHE A 156 -13.46 4.57 -2.07
N PHE A 157 -14.63 5.25 -1.82
CA PHE A 157 -15.87 5.08 -2.55
C PHE A 157 -15.98 6.13 -3.65
N VAL A 158 -16.41 5.71 -4.84
CA VAL A 158 -16.61 6.64 -5.95
C VAL A 158 -18.15 6.84 -6.01
N GLY A 159 -18.59 8.01 -5.56
CA GLY A 159 -20.07 8.26 -5.55
C GLY A 159 -20.63 7.33 -4.53
N GLU A 160 -21.85 6.89 -4.80
CA GLU A 160 -22.54 5.97 -3.98
C GLU A 160 -22.13 4.57 -4.36
N VAL A 161 -21.98 3.72 -3.37
CA VAL A 161 -21.62 2.33 -3.58
C VAL A 161 -22.67 1.42 -2.97
N ASP A 162 -22.63 0.13 -3.27
CA ASP A 162 -23.65 -0.83 -2.76
C ASP A 162 -23.27 -1.31 -1.37
N ASP A 163 -24.17 -2.04 -0.72
CA ASP A 163 -23.93 -2.45 0.66
C ASP A 163 -22.71 -3.38 0.78
N GLY A 164 -22.53 -4.22 -0.22
CA GLY A 164 -21.36 -5.14 -0.28
C GLY A 164 -20.06 -4.32 -0.24
N ALA A 165 -20.02 -3.27 -1.03
CA ALA A 165 -18.80 -2.39 -1.04
C ALA A 165 -18.59 -1.80 0.32
N ARG A 166 -19.66 -1.26 0.92
CA ARG A 166 -19.54 -0.73 2.28
C ARG A 166 -19.02 -1.74 3.29
N LYS A 167 -19.57 -2.94 3.29
CA LYS A 167 -19.13 -3.97 4.24
C LYS A 167 -17.69 -4.50 3.99
N LEU A 168 -17.34 -4.60 2.71
CA LEU A 168 -16.00 -5.06 2.36
C LEU A 168 -14.94 -4.04 2.85
N VAL A 169 -15.19 -2.78 2.61
CA VAL A 169 -14.21 -1.75 2.91
C VAL A 169 -14.12 -1.54 4.42
N GLN A 170 -15.27 -1.52 5.10
CA GLN A 170 -15.28 -1.41 6.53
C GLN A 170 -14.60 -2.56 7.20
N THR A 171 -14.85 -3.80 6.74
CA THR A 171 -14.21 -4.93 7.36
C THR A 171 -12.72 -4.90 7.18
N THR A 172 -12.31 -4.52 5.95
CA THR A 172 -10.87 -4.48 5.66
C THR A 172 -10.18 -3.53 6.64
N TYR A 173 -10.83 -2.40 6.84
CA TYR A 173 -10.23 -1.33 7.69
C TYR A 173 -10.14 -1.87 9.13
N GLU A 174 -11.19 -2.51 9.59
CA GLU A 174 -11.17 -3.14 10.90
C GLU A 174 -10.08 -4.21 11.02
N CYS A 175 -9.87 -4.98 9.96
CA CYS A 175 -8.82 -5.93 9.95
C CYS A 175 -7.46 -5.27 10.18
N LEU A 176 -7.22 -4.18 9.45
CA LEU A 176 -5.97 -3.51 9.66
C LEU A 176 -5.80 -3.05 11.13
N MET A 177 -6.79 -2.36 11.56
CA MET A 177 -6.79 -1.70 12.88
C MET A 177 -6.76 -2.75 14.01
N GLN A 178 -7.48 -3.88 13.90
CA GLN A 178 -7.26 -4.93 14.91
C GLN A 178 -5.85 -5.47 14.92
N ALA A 179 -5.23 -5.64 13.75
CA ALA A 179 -3.80 -6.01 13.70
C ALA A 179 -2.87 -4.96 14.39
N ILE A 180 -3.05 -3.70 14.06
CA ILE A 180 -2.25 -2.59 14.63
C ILE A 180 -2.36 -2.56 16.17
N ASP A 181 -3.54 -2.81 16.64
CA ASP A 181 -3.84 -2.82 18.10
C ASP A 181 -3.15 -3.92 18.83
N ALA A 182 -2.74 -4.96 18.13
CA ALA A 182 -1.91 -5.98 18.74
C ALA A 182 -0.43 -5.75 18.69
N VAL A 183 0.03 -4.71 17.99
CA VAL A 183 1.44 -4.48 17.86
C VAL A 183 2.13 -3.91 19.12
N LYS A 184 3.16 -4.62 19.56
CA LYS A 184 3.97 -4.20 20.73
C LYS A 184 5.10 -5.18 20.93
N PRO A 185 6.07 -4.78 21.80
CA PRO A 185 7.25 -5.63 21.75
C PRO A 185 6.93 -7.04 22.26
N GLY A 186 7.57 -8.02 21.70
CA GLY A 186 7.36 -9.40 22.15
C GLY A 186 6.33 -10.20 21.41
N VAL A 187 5.51 -9.52 20.57
CA VAL A 187 4.48 -10.20 19.76
C VAL A 187 5.18 -10.79 18.48
N ARG A 188 4.83 -12.00 18.11
CA ARG A 188 5.42 -12.58 16.94
C ARG A 188 4.74 -11.95 15.68
N TYR A 189 5.51 -11.67 14.63
CA TYR A 189 4.92 -11.10 13.35
C TYR A 189 3.88 -12.07 12.77
N ARG A 190 4.05 -13.36 12.94
CA ARG A 190 3.11 -14.34 12.40
C ARG A 190 1.75 -14.33 13.04
N GLU A 191 1.61 -13.72 14.21
CA GLU A 191 0.32 -13.60 14.85
C GLU A 191 -0.69 -12.66 14.17
N LEU A 192 -0.17 -11.64 13.47
CA LEU A 192 -1.04 -10.59 12.90
C LEU A 192 -2.02 -11.20 11.90
N GLY A 193 -1.53 -12.15 11.09
CA GLY A 193 -2.41 -12.89 10.13
C GLY A 193 -3.53 -13.68 10.75
N ASN A 194 -3.25 -14.25 11.92
CA ASN A 194 -4.34 -14.88 12.68
C ASN A 194 -5.44 -13.93 12.97
N ILE A 195 -5.07 -12.75 13.44
CA ILE A 195 -6.05 -11.78 13.83
C ILE A 195 -6.86 -11.30 12.62
N ILE A 196 -6.13 -10.95 11.57
CA ILE A 196 -6.78 -10.44 10.32
C ILE A 196 -7.75 -11.48 9.73
N GLN A 197 -7.24 -12.70 9.53
CA GLN A 197 -8.11 -13.73 8.93
C GLN A 197 -9.36 -14.02 9.80
N LYS A 198 -9.19 -14.01 11.12
CA LYS A 198 -10.35 -14.26 11.98
C LYS A 198 -11.46 -13.26 11.73
N HIS A 199 -11.10 -11.98 11.65
CA HIS A 199 -12.11 -10.98 11.42
C HIS A 199 -12.69 -11.10 9.98
N ALA A 200 -11.78 -11.31 9.01
CA ALA A 200 -12.24 -11.42 7.62
C ALA A 200 -13.26 -12.56 7.45
N GLN A 201 -12.87 -13.73 7.97
CA GLN A 201 -13.70 -14.94 7.79
C GLN A 201 -15.02 -14.76 8.53
N ALA A 202 -15.00 -14.10 9.68
CA ALA A 202 -16.27 -13.88 10.39
C ALA A 202 -17.24 -13.07 9.60
N ASN A 203 -16.76 -12.31 8.62
CA ASN A 203 -17.67 -11.50 7.82
C ASN A 203 -17.82 -12.02 6.41
N GLY A 204 -17.36 -13.25 6.19
CA GLY A 204 -17.57 -14.02 4.94
C GLY A 204 -16.59 -13.62 3.81
N PHE A 205 -15.40 -13.08 4.19
CA PHE A 205 -14.38 -12.66 3.21
C PHE A 205 -13.18 -13.53 3.32
N SER A 206 -12.41 -13.54 2.24
CA SER A 206 -11.13 -14.21 2.22
C SER A 206 -9.96 -13.25 2.28
N VAL A 207 -8.78 -13.81 2.51
CA VAL A 207 -7.57 -13.01 2.72
C VAL A 207 -6.50 -13.42 1.68
N VAL A 208 -6.07 -12.43 0.89
CA VAL A 208 -5.03 -12.63 -0.13
C VAL A 208 -3.77 -13.17 0.50
N ARG A 209 -3.19 -14.15 -0.18
CA ARG A 209 -1.99 -14.82 0.33
C ARG A 209 -0.68 -14.36 -0.29
N SER A 210 -0.72 -13.88 -1.55
CA SER A 210 0.48 -13.68 -2.33
C SER A 210 1.25 -12.41 -2.05
N TYR A 211 0.60 -11.51 -1.35
CA TYR A 211 1.18 -10.23 -0.98
C TYR A 211 1.09 -10.01 0.53
N CYS A 212 2.20 -9.46 1.08
CA CYS A 212 2.48 -9.33 2.51
C CYS A 212 2.87 -7.89 2.90
N GLY A 213 2.73 -7.57 4.19
CA GLY A 213 3.23 -6.33 4.74
C GLY A 213 4.72 -6.55 4.83
N HIS A 214 5.45 -5.51 5.17
CA HIS A 214 6.88 -5.54 5.01
C HIS A 214 7.59 -4.53 5.84
N GLY A 215 8.81 -4.90 6.24
CA GLY A 215 9.66 -3.86 6.71
C GLY A 215 9.88 -2.76 5.65
N ILE A 216 10.17 -1.61 6.15
CA ILE A 216 10.41 -0.46 5.32
C ILE A 216 11.24 0.53 6.10
N HIS A 217 12.21 1.11 5.42
CA HIS A 217 12.95 2.25 5.95
C HIS A 217 13.88 2.81 4.87
N LYS A 218 15.19 2.48 4.93
CA LYS A 218 16.09 2.74 3.85
C LYS A 218 15.80 1.93 2.63
N LEU A 219 15.12 0.79 2.80
CA LEU A 219 14.70 0.00 1.67
C LEU A 219 13.16 0.10 1.62
N MET A 220 12.60 -0.05 0.42
CA MET A 220 11.14 0.00 0.35
C MET A 220 10.53 -1.27 0.88
N HIS A 221 11.13 -2.41 0.51
CA HIS A 221 10.67 -3.69 0.96
C HIS A 221 11.85 -4.40 1.60
N THR A 222 11.68 -4.74 2.87
CA THR A 222 12.71 -5.54 3.51
C THR A 222 12.14 -6.32 4.69
N ALA A 223 13.01 -7.03 5.47
CA ALA A 223 12.52 -7.77 6.59
C ALA A 223 11.87 -6.88 7.61
N PRO A 224 10.77 -7.35 8.21
CA PRO A 224 10.13 -8.63 8.07
C PRO A 224 9.09 -8.73 6.98
N ASN A 225 8.89 -9.94 6.51
CA ASN A 225 7.71 -10.26 5.73
C ASN A 225 6.56 -10.52 6.66
N VAL A 226 5.40 -9.94 6.37
CA VAL A 226 4.31 -9.96 7.29
C VAL A 226 3.05 -10.45 6.61
N PRO A 227 2.83 -11.76 6.63
CA PRO A 227 1.64 -12.32 5.98
C PRO A 227 0.39 -11.90 6.67
N HIS A 228 -0.71 -11.78 5.90
CA HIS A 228 -2.01 -11.37 6.51
C HIS A 228 -3.02 -12.52 6.77
N TYR A 229 -2.65 -13.75 6.41
CA TYR A 229 -3.49 -14.91 6.64
C TYR A 229 -2.99 -15.77 7.88
N ALA A 230 -3.90 -16.61 8.34
CA ALA A 230 -3.70 -17.44 9.54
C ALA A 230 -2.67 -18.57 9.36
N LYS A 231 -1.96 -18.90 10.44
CA LYS A 231 -1.09 -20.09 10.43
C LYS A 231 -0.03 -19.94 9.38
N ASN A 232 0.52 -18.74 9.27
CA ASN A 232 1.65 -18.50 8.44
C ASN A 232 2.92 -18.67 9.24
N LYS A 233 4.05 -18.68 8.57
CA LYS A 233 5.28 -19.05 9.20
C LYS A 233 6.26 -17.92 9.17
N ALA A 234 5.78 -16.69 9.24
CA ALA A 234 6.68 -15.56 9.28
C ALA A 234 7.63 -15.63 10.48
N VAL A 235 8.84 -15.14 10.23
CA VAL A 235 9.95 -15.26 11.13
C VAL A 235 10.10 -13.97 11.85
N GLY A 236 10.24 -14.04 13.18
CA GLY A 236 10.62 -12.87 13.94
C GLY A 236 9.62 -12.40 14.97
N VAL A 237 10.16 -11.55 15.85
CA VAL A 237 9.48 -11.10 17.04
C VAL A 237 9.57 -9.59 17.16
N MET A 238 8.45 -8.93 17.41
CA MET A 238 8.44 -7.47 17.39
C MET A 238 9.36 -6.98 18.53
N LYS A 239 10.04 -5.86 18.26
CA LYS A 239 10.89 -5.13 19.23
C LYS A 239 10.78 -3.66 19.00
N SER A 240 10.77 -2.88 20.10
CA SER A 240 10.99 -1.42 20.02
C SER A 240 12.04 -0.99 19.00
N GLY A 241 11.68 -0.11 18.07
CA GLY A 241 12.62 0.32 17.04
C GLY A 241 12.40 -0.42 15.69
N HIS A 242 11.51 -1.43 15.63
CA HIS A 242 11.15 -2.04 14.36
C HIS A 242 10.14 -1.13 13.59
N VAL A 243 10.29 -1.11 12.26
CA VAL A 243 9.34 -0.38 11.40
C VAL A 243 8.90 -1.27 10.25
N PHE A 244 7.57 -1.33 10.07
CA PHE A 244 7.07 -2.26 9.08
C PHE A 244 5.62 -1.81 8.74
N THR A 245 5.11 -2.33 7.64
CA THR A 245 3.70 -2.15 7.29
C THR A 245 2.85 -3.31 7.58
N ILE A 246 1.57 -3.03 7.71
CA ILE A 246 0.53 -4.03 7.66
C ILE A 246 -0.48 -3.52 6.60
N GLU A 247 -0.82 -4.36 5.64
CA GLU A 247 -1.61 -3.93 4.48
C GLU A 247 -2.58 -4.98 3.93
N PRO A 248 -3.44 -5.47 4.77
CA PRO A 248 -4.35 -6.61 4.36
C PRO A 248 -5.16 -6.30 3.15
N MET A 249 -5.19 -7.29 2.27
CA MET A 249 -6.14 -7.36 1.13
C MET A 249 -7.16 -8.48 1.39
N ILE A 250 -8.42 -8.08 1.38
CA ILE A 250 -9.54 -8.96 1.73
C ILE A 250 -10.48 -8.98 0.52
N CYS A 251 -11.17 -10.11 0.31
CA CYS A 251 -11.94 -10.25 -0.92
C CYS A 251 -13.32 -10.81 -0.68
N GLU A 252 -14.25 -10.39 -1.49
CA GLU A 252 -15.61 -10.86 -1.42
C GLU A 252 -15.73 -12.34 -1.72
N GLY A 253 -15.02 -12.82 -2.75
CA GLY A 253 -15.02 -14.24 -3.12
C GLY A 253 -13.86 -14.99 -2.52
N GLY A 254 -13.14 -15.69 -3.39
CA GLY A 254 -11.94 -16.45 -3.06
C GLY A 254 -10.68 -15.60 -2.97
N TRP A 255 -9.66 -16.14 -2.34
CA TRP A 255 -8.45 -15.39 -2.07
C TRP A 255 -7.48 -15.39 -3.24
N GLN A 256 -7.71 -16.27 -4.23
CA GLN A 256 -6.64 -16.55 -5.23
C GLN A 256 -6.48 -15.31 -6.13
N ASP A 257 -5.24 -15.01 -6.45
CA ASP A 257 -4.91 -13.87 -7.29
C ASP A 257 -4.18 -14.34 -8.57
N GLU A 258 -4.14 -13.48 -9.56
CA GLU A 258 -3.29 -13.62 -10.73
C GLU A 258 -2.94 -12.23 -11.22
N THR A 259 -1.97 -12.15 -12.12
CA THR A 259 -1.41 -10.84 -12.53
C THR A 259 -1.71 -10.61 -13.98
N TRP A 260 -2.16 -9.40 -14.34
CA TRP A 260 -2.28 -8.99 -15.75
C TRP A 260 -0.99 -9.10 -16.56
N PRO A 261 -1.11 -9.06 -17.90
CA PRO A 261 0.08 -9.13 -18.77
C PRO A 261 1.03 -7.96 -18.55
N ASP A 262 0.52 -6.85 -17.96
CA ASP A 262 1.41 -5.78 -17.62
C ASP A 262 2.51 -6.14 -16.61
N GLY A 263 2.36 -7.21 -15.86
CA GLY A 263 3.34 -7.69 -14.88
C GLY A 263 3.09 -7.15 -13.47
N TRP A 264 2.08 -6.28 -13.30
CA TRP A 264 1.83 -5.61 -12.03
C TRP A 264 0.45 -5.78 -11.47
N THR A 265 -0.56 -5.62 -12.32
CA THR A 265 -1.89 -5.51 -11.81
C THR A 265 -2.34 -6.86 -11.28
N ALA A 266 -2.60 -6.93 -9.98
CA ALA A 266 -3.06 -8.16 -9.37
C ALA A 266 -4.53 -8.14 -9.20
N VAL A 267 -5.19 -9.22 -9.66
CA VAL A 267 -6.65 -9.26 -9.69
C VAL A 267 -7.10 -10.59 -9.01
N THR A 268 -8.29 -10.55 -8.44
CA THR A 268 -8.94 -11.77 -7.97
C THR A 268 -9.17 -12.68 -9.23
N ARG A 269 -8.82 -13.93 -9.07
CA ARG A 269 -9.08 -14.94 -10.15
C ARG A 269 -10.60 -15.08 -10.42
N ASP A 270 -11.41 -14.82 -9.42
CA ASP A 270 -12.87 -14.88 -9.62
C ASP A 270 -13.50 -13.60 -10.06
N GLY A 271 -12.73 -12.48 -10.15
CA GLY A 271 -13.37 -11.24 -10.57
C GLY A 271 -14.27 -10.49 -9.61
N LYS A 272 -14.32 -10.93 -8.35
CA LYS A 272 -15.01 -10.26 -7.31
C LYS A 272 -14.10 -9.18 -6.67
N ARG A 273 -14.68 -8.35 -5.80
CA ARG A 273 -13.96 -7.18 -5.33
C ARG A 273 -13.01 -7.49 -4.22
N SER A 274 -11.98 -6.64 -4.12
CA SER A 274 -10.99 -6.76 -3.07
C SER A 274 -10.69 -5.35 -2.58
N ALA A 275 -10.49 -5.20 -1.29
CA ALA A 275 -10.10 -3.94 -0.69
C ALA A 275 -8.89 -4.08 0.22
N GLN A 276 -8.22 -2.95 0.43
CA GLN A 276 -6.94 -2.91 1.16
C GLN A 276 -6.83 -1.60 2.01
N PHE A 277 -6.13 -1.65 3.15
CA PHE A 277 -5.65 -0.45 3.83
C PHE A 277 -4.21 -0.78 4.22
N GLU A 278 -3.41 0.26 4.39
CA GLU A 278 -1.99 0.12 4.75
C GLU A 278 -1.60 1.33 5.63
N HIS A 279 -0.85 1.04 6.69
CA HIS A 279 -0.06 1.94 7.47
C HIS A 279 1.38 1.44 7.60
N THR A 280 2.28 2.40 7.78
CA THR A 280 3.63 2.16 8.24
C THR A 280 3.67 2.36 9.79
N LEU A 281 4.21 1.37 10.50
CA LEU A 281 4.16 1.38 11.92
C LEU A 281 5.56 1.38 12.52
N LEU A 282 5.74 2.09 13.61
CA LEU A 282 6.96 1.96 14.44
C LEU A 282 6.59 1.31 15.78
N VAL A 283 7.34 0.28 16.14
CA VAL A 283 7.09 -0.45 17.42
C VAL A 283 7.77 0.41 18.52
N THR A 284 7.05 0.75 19.54
CA THR A 284 7.64 1.55 20.62
C THR A 284 7.74 0.64 21.91
N ASP A 285 7.33 1.17 23.09
CA ASP A 285 7.17 0.41 24.35
C ASP A 285 5.75 0.32 24.84
N THR A 286 4.96 1.40 24.79
CA THR A 286 3.53 1.22 24.99
C THR A 286 2.86 0.38 23.84
N GLY A 287 3.57 0.10 22.73
CA GLY A 287 2.87 -0.42 21.60
C GLY A 287 3.43 -0.03 20.25
N CYS A 288 2.71 0.82 19.57
CA CYS A 288 3.21 1.33 18.26
C CYS A 288 2.67 2.67 17.90
N GLU A 289 3.46 3.33 17.06
CA GLU A 289 3.25 4.66 16.63
C GLU A 289 2.84 4.47 15.15
N ILE A 290 1.68 5.00 14.77
CA ILE A 290 1.20 4.84 13.39
C ILE A 290 1.72 6.05 12.62
N LEU A 291 2.80 5.84 11.87
CA LEU A 291 3.54 6.92 11.29
C LEU A 291 2.81 7.62 10.17
N THR A 292 1.88 6.84 9.56
CA THR A 292 1.08 7.30 8.44
C THR A 292 -0.33 7.71 8.82
N ARG A 293 -0.63 7.75 10.13
CA ARG A 293 -1.93 8.22 10.58
C ARG A 293 -2.30 9.58 10.11
N ARG A 294 -3.58 9.81 10.04
CA ARG A 294 -4.07 11.20 10.00
C ARG A 294 -3.80 11.96 11.29
N LEU A 295 -3.40 13.22 11.17
CA LEU A 295 -3.08 14.02 12.35
C LEU A 295 -4.25 14.98 12.68
N ASP A 296 -5.14 15.17 11.74
CA ASP A 296 -6.08 16.22 11.87
C ASP A 296 -7.47 15.75 11.87
N SER A 297 -7.70 14.44 11.72
CA SER A 297 -9.06 13.95 11.57
C SER A 297 -9.19 12.49 12.02
N ALA A 298 -10.30 12.17 12.69
CA ALA A 298 -10.37 10.88 13.45
C ALA A 298 -10.36 9.59 12.59
N ARG A 299 -10.88 9.72 11.39
CA ARG A 299 -11.28 8.56 10.62
C ARG A 299 -10.65 8.56 9.19
N PRO A 300 -10.50 7.38 8.60
CA PRO A 300 -10.13 7.30 7.18
C PRO A 300 -11.14 7.97 6.29
N HIS A 301 -10.72 8.27 5.08
CA HIS A 301 -11.60 9.02 4.16
C HIS A 301 -12.93 8.38 3.87
N PHE A 302 -12.99 7.06 3.75
CA PHE A 302 -14.26 6.43 3.33
C PHE A 302 -15.42 6.65 4.31
N MET A 303 -15.11 6.93 5.54
CA MET A 303 -16.17 7.19 6.55
C MET A 303 -16.67 8.65 6.45
N SER A 304 -15.89 9.51 5.79
CA SER A 304 -15.90 10.96 6.04
C SER A 304 -16.54 11.50 4.80
#